data_9C4V
#
_entry.id   9C4V
#
_cell.length_a   49.082
_cell.length_b   80.217
_cell.length_c   124.926
_cell.angle_alpha   90.00
_cell.angle_beta   90.00
_cell.angle_gamma   90.00
#
_symmetry.space_group_name_H-M   'P 21 21 21'
#
loop_
_entity.id
_entity.type
_entity.pdbx_description
1 polymer Menin
2 polymer 'Histone-lysine N-methyltransferase 2A'
3 non-polymer 'SULFATE ION'
4 non-polymer 'PENTAETHYLENE GLYCOL'
5 non-polymer 2-(2-METHOXYETHOXY)ETHANOL
6 non-polymer 1,2-ETHANEDIOL
7 water water
#
loop_
_entity_poly.entity_id
_entity_poly.type
_entity_poly.pdbx_seq_one_letter_code
_entity_poly.pdbx_strand_id
1 'polypeptide(L)'
;GGSSSMGLKAAQKTLFPLRSIDDVVRLFAAELGREEPDLVLLSLVLGFVEHFLAVNRVGLTYFPVADLSIIAALYARFTA
QIRGAVDLSLYPREGGVSSRELVKKVSDVIWNSLSRSYFKDRAHIQSLFSFITGTKLDSSGVAFAVVGACQALGLRDVHL
ALSEDHAWVVFGPNGEQTAEVTWHGKGNEDRRGQTVNAGVAERSWLYLKGSYMRCDRKMEVAFMVCAINPSIDLHTDSLE
LLQLQQKLLWLLYDLGHLERYPMALGNLADLEELEPTPGRPDPLTLYHKGIASAKTYYRDEHIYPYMYLADYHCRNRNVR
EALQAWADTATVIQDYNYCREDEEIYKEFFEVANDVIPNLLKEAASLLEAGSQGSALQDPECFAHLLRFYDGICKWEEGS
PTPVLHVGWATFLVQSLGRFEGQVRQKVRIVSVPAPAASPPPEGPVLTFQSEKMKGMKELLVATKINSSAIKLQLTAQSQ
VQMKKQKVS
;
A
2 'polypeptide(L)' SARWRFPARPGT(NH2) B
#
loop_
_chem_comp.id
_chem_comp.type
_chem_comp.name
_chem_comp.formula
1PE non-polymer 'PENTAETHYLENE GLYCOL' 'C10 H22 O6'
EDO non-polymer 1,2-ETHANEDIOL 'C2 H6 O2'
NH2 non-polymer 'AMINO GROUP' 'H2 N'
PG0 non-polymer 2-(2-METHOXYETHOXY)ETHANOL 'C5 H12 O3'
SO4 non-polymer 'SULFATE ION' 'O4 S -2'
#
# COMPACT_ATOMS: atom_id res chain seq x y z
N GLY A 7 6.32 32.62 6.28
CA GLY A 7 5.36 31.51 6.14
C GLY A 7 4.56 31.27 7.42
N LEU A 8 5.25 31.04 8.57
CA LEU A 8 4.54 30.61 9.77
C LEU A 8 3.75 31.79 10.33
N LYS A 9 2.47 31.57 10.56
CA LYS A 9 1.59 32.58 11.10
C LYS A 9 1.55 32.45 12.61
N ALA A 10 1.21 33.55 13.30
CA ALA A 10 1.18 33.56 14.73
C ALA A 10 0.36 32.41 15.31
N ALA A 11 -0.82 32.11 14.72
CA ALA A 11 -1.69 31.09 15.26
C ALA A 11 -1.08 29.70 15.10
N GLN A 12 -0.14 29.53 14.17
CA GLN A 12 0.50 28.24 14.03
C GLN A 12 1.52 27.98 15.13
N LYS A 13 1.95 29.01 15.86
CA LYS A 13 3.10 28.89 16.74
C LYS A 13 2.71 28.71 18.22
N THR A 14 1.44 28.94 18.56
CA THR A 14 1.05 29.11 19.94
C THR A 14 1.12 27.80 20.73
N LEU A 15 1.10 26.64 20.07
CA LEU A 15 1.17 25.38 20.82
C LEU A 15 2.59 24.95 21.18
N PHE A 16 3.61 25.57 20.59
CA PHE A 16 4.97 25.18 20.90
C PHE A 16 5.35 25.72 22.27
N PRO A 17 6.26 25.06 22.99
CA PRO A 17 6.88 23.82 22.52
C PRO A 17 6.00 22.58 22.59
N LEU A 18 6.23 21.63 21.67
CA LEU A 18 5.53 20.36 21.75
C LEU A 18 6.29 19.41 22.67
N ARG A 19 5.63 19.01 23.78
CA ARG A 19 6.34 18.29 24.83
C ARG A 19 5.91 16.85 24.98
N SER A 20 4.95 16.41 24.14
CA SER A 20 4.37 15.09 24.25
C SER A 20 3.71 14.69 22.94
N ILE A 21 3.39 13.38 22.87
CA ILE A 21 2.53 12.84 21.82
C ILE A 21 1.27 13.68 21.72
N ASP A 22 0.57 13.87 22.84
CA ASP A 22 -0.67 14.62 22.78
C ASP A 22 -0.51 16.05 22.28
N ASP A 23 0.63 16.72 22.53
CA ASP A 23 0.84 18.05 22.01
C ASP A 23 1.02 18.02 20.49
N VAL A 24 1.66 16.96 19.99
CA VAL A 24 1.74 16.81 18.52
C VAL A 24 0.34 16.61 17.92
N VAL A 25 -0.48 15.74 18.57
CA VAL A 25 -1.86 15.57 18.11
C VAL A 25 -2.62 16.90 18.13
N ARG A 26 -2.47 17.72 19.20
CA ARG A 26 -3.13 19.04 19.22
C ARG A 26 -2.74 19.90 18.03
N LEU A 27 -1.47 19.87 17.64
CA LEU A 27 -1.00 20.64 16.51
C LEU A 27 -1.70 20.17 15.22
N PHE A 28 -1.72 18.85 15.04
CA PHE A 28 -2.40 18.29 13.87
C PHE A 28 -3.87 18.71 13.87
N ALA A 29 -4.52 18.64 15.03
CA ALA A 29 -5.91 19.04 15.12
C ALA A 29 -6.10 20.49 14.72
N ALA A 30 -5.19 21.36 15.19
CA ALA A 30 -5.31 22.76 14.89
C ALA A 30 -5.14 23.00 13.41
N GLU A 31 -4.13 22.36 12.80
CA GLU A 31 -3.88 22.54 11.37
C GLU A 31 -5.02 21.98 10.50
N LEU A 32 -5.60 20.84 10.90
CA LEU A 32 -6.69 20.25 10.14
C LEU A 32 -7.97 21.07 10.28
N GLY A 33 -8.01 21.98 11.25
CA GLY A 33 -9.11 22.93 11.42
C GLY A 33 -8.93 24.19 10.58
N ARG A 34 -7.77 24.37 9.95
CA ARG A 34 -7.47 25.58 9.19
C ARG A 34 -7.95 25.36 7.76
N GLU A 35 -8.04 26.48 7.02
CA GLU A 35 -8.48 26.46 5.64
C GLU A 35 -7.70 25.36 4.91
N GLU A 36 -6.36 25.38 5.01
CA GLU A 36 -5.46 24.36 4.50
C GLU A 36 -4.36 24.00 5.49
N PRO A 37 -4.27 22.75 5.93
CA PRO A 37 -3.20 22.35 6.83
C PRO A 37 -1.85 22.57 6.18
N ASP A 38 -0.86 22.98 7.01
CA ASP A 38 0.46 23.32 6.53
C ASP A 38 1.30 22.04 6.44
N LEU A 39 1.46 21.50 5.22
CA LEU A 39 2.14 20.21 5.03
C LEU A 39 3.60 20.29 5.45
N VAL A 40 4.25 21.43 5.20
CA VAL A 40 5.68 21.63 5.51
C VAL A 40 5.87 21.60 7.03
N LEU A 41 5.05 22.38 7.76
CA LEU A 41 5.12 22.37 9.21
C LEU A 41 4.95 20.97 9.78
N LEU A 42 3.90 20.30 9.31
CA LEU A 42 3.54 19.02 9.89
C LEU A 42 4.56 17.93 9.59
N SER A 43 5.09 17.88 8.37
CA SER A 43 6.12 16.89 7.99
C SER A 43 7.43 17.15 8.74
N LEU A 44 7.81 18.42 8.91
CA LEU A 44 8.99 18.74 9.69
C LEU A 44 8.82 18.25 11.12
N VAL A 45 7.65 18.53 11.74
CA VAL A 45 7.42 18.07 13.12
C VAL A 45 7.50 16.55 13.22
N LEU A 46 6.80 15.81 12.33
CA LEU A 46 6.84 14.35 12.37
C LEU A 46 8.25 13.85 12.19
N GLY A 47 8.97 14.43 11.24
CA GLY A 47 10.33 13.94 10.97
C GLY A 47 11.30 14.19 12.13
N PHE A 48 11.13 15.35 12.76
CA PHE A 48 11.90 15.71 13.94
C PHE A 48 11.65 14.67 15.03
N VAL A 49 10.37 14.43 15.32
N VAL A 49 10.38 14.40 15.36
CA VAL A 49 9.97 13.53 16.39
CA VAL A 49 10.14 13.50 16.48
C VAL A 49 10.41 12.11 16.10
C VAL A 49 10.54 12.08 16.09
N GLU A 50 10.29 11.67 14.83
CA GLU A 50 10.74 10.37 14.42
C GLU A 50 12.26 10.25 14.53
N HIS A 51 13.01 11.28 14.16
CA HIS A 51 14.46 11.22 14.25
C HIS A 51 14.90 10.89 15.68
N PHE A 52 14.29 11.57 16.66
CA PHE A 52 14.70 11.45 18.06
C PHE A 52 13.99 10.30 18.79
N LEU A 53 13.02 9.63 18.16
CA LEU A 53 12.42 8.46 18.78
C LEU A 53 12.82 7.18 18.08
N ALA A 54 13.33 7.22 16.84
CA ALA A 54 13.67 5.99 16.14
C ALA A 54 15.10 6.01 15.64
N VAL A 55 15.64 7.15 15.16
CA VAL A 55 16.95 7.13 14.54
C VAL A 55 18.05 7.28 15.61
N ASN A 56 17.87 8.22 16.54
CA ASN A 56 18.81 8.51 17.61
C ASN A 56 18.04 8.80 18.91
N ARG A 57 17.97 7.78 19.79
CA ARG A 57 17.30 7.89 21.07
C ARG A 57 18.30 8.18 22.21
N VAL A 58 19.55 8.50 21.87
CA VAL A 58 20.51 8.91 22.91
C VAL A 58 19.99 10.14 23.65
N GLY A 59 19.88 10.01 24.97
CA GLY A 59 19.50 11.16 25.76
C GLY A 59 17.98 11.18 26.01
N LEU A 60 17.21 10.33 25.31
CA LEU A 60 15.76 10.40 25.44
C LEU A 60 15.33 10.06 26.88
N THR A 61 14.47 10.90 27.46
CA THR A 61 13.89 10.59 28.77
C THR A 61 12.37 10.45 28.74
N TYR A 62 11.68 11.06 27.76
CA TYR A 62 10.25 10.88 27.66
C TYR A 62 9.80 11.13 26.21
N PHE A 63 10.06 12.35 25.75
CA PHE A 63 9.63 12.77 24.43
C PHE A 63 10.60 13.84 23.99
N PRO A 64 10.99 13.84 22.69
CA PRO A 64 11.82 14.90 22.17
C PRO A 64 11.08 16.21 22.02
N VAL A 65 11.31 17.11 22.94
CA VAL A 65 10.59 18.37 22.93
C VAL A 65 10.92 19.12 21.65
N ALA A 66 9.88 19.60 20.96
CA ALA A 66 10.05 20.35 19.72
C ALA A 66 9.85 21.82 20.03
N ASP A 67 10.96 22.53 20.09
CA ASP A 67 10.95 23.96 20.34
C ASP A 67 10.63 24.70 19.05
N LEU A 68 9.87 25.79 19.18
CA LEU A 68 9.56 26.63 18.06
C LEU A 68 10.79 27.11 17.33
N SER A 69 11.84 27.57 18.04
CA SER A 69 13.01 28.08 17.37
C SER A 69 13.61 27.06 16.40
N ILE A 70 13.61 25.78 16.80
CA ILE A 70 14.20 24.72 16.02
C ILE A 70 13.31 24.45 14.80
N ILE A 71 12.01 24.28 15.02
CA ILE A 71 11.11 23.95 13.92
C ILE A 71 11.02 25.11 12.95
N ALA A 72 10.92 26.35 13.48
CA ALA A 72 10.85 27.49 12.59
C ALA A 72 12.10 27.64 11.74
N ALA A 73 13.28 27.31 12.29
CA ALA A 73 14.51 27.44 11.51
C ALA A 73 14.55 26.40 10.39
N LEU A 74 14.07 25.20 10.64
CA LEU A 74 13.99 24.19 9.56
C LEU A 74 12.98 24.61 8.48
N TYR A 75 11.84 25.18 8.91
CA TYR A 75 10.78 25.66 8.03
C TYR A 75 11.37 26.73 7.12
N ALA A 76 12.13 27.66 7.72
CA ALA A 76 12.70 28.73 6.96
C ALA A 76 13.74 28.24 5.98
N ARG A 77 14.51 27.21 6.30
CA ARG A 77 15.48 26.66 5.37
C ARG A 77 14.69 26.13 4.13
N PHE A 78 13.61 25.40 4.39
CA PHE A 78 12.82 24.84 3.28
C PHE A 78 12.23 25.94 2.41
N THR A 79 11.52 26.88 3.00
CA THR A 79 10.85 27.89 2.20
C THR A 79 11.87 28.76 1.48
N ALA A 80 13.03 29.05 2.08
CA ALA A 80 14.03 29.87 1.41
C ALA A 80 14.54 29.14 0.18
N GLN A 81 14.79 27.83 0.33
CA GLN A 81 15.32 27.03 -0.74
C GLN A 81 14.33 27.02 -1.92
N ILE A 82 13.04 26.78 -1.64
CA ILE A 82 12.07 26.68 -2.71
C ILE A 82 11.83 28.06 -3.32
N ARG A 83 11.60 29.11 -2.51
CA ARG A 83 11.32 30.42 -3.09
C ARG A 83 12.50 30.92 -3.92
N GLY A 84 13.72 30.70 -3.48
CA GLY A 84 14.89 31.17 -4.22
C GLY A 84 15.11 30.42 -5.55
N ALA A 85 14.71 29.14 -5.62
CA ALA A 85 15.00 28.30 -6.78
C ALA A 85 13.86 28.33 -7.80
N VAL A 86 12.63 28.66 -7.36
CA VAL A 86 11.47 28.68 -8.23
C VAL A 86 10.98 30.13 -8.34
N ASP A 87 11.25 30.78 -9.46
CA ASP A 87 10.73 32.10 -9.73
C ASP A 87 9.38 32.01 -10.44
N LEU A 88 8.28 32.29 -9.70
CA LEU A 88 6.92 32.19 -10.20
C LEU A 88 6.58 33.11 -11.36
N SER A 89 7.31 34.25 -11.50
CA SER A 89 7.08 35.17 -12.61
C SER A 89 7.38 34.54 -13.95
N LEU A 90 8.20 33.47 -13.96
CA LEU A 90 8.56 32.79 -15.19
C LEU A 90 7.41 31.91 -15.67
N TYR A 91 6.42 31.64 -14.79
CA TYR A 91 5.39 30.64 -15.03
C TYR A 91 4.01 31.23 -14.73
N PRO A 92 3.52 32.21 -15.52
CA PRO A 92 2.27 32.89 -15.17
C PRO A 92 1.11 31.92 -14.97
N ARG A 93 0.29 32.15 -13.93
CA ARG A 93 -0.82 31.27 -13.62
C ARG A 93 -2.15 31.94 -13.97
N GLU A 94 -2.85 31.43 -15.00
CA GLU A 94 -4.23 31.79 -15.22
C GLU A 94 -5.09 31.06 -14.19
N GLY A 95 -5.86 31.80 -13.38
CA GLY A 95 -7.15 31.32 -12.87
C GLY A 95 -7.04 30.10 -11.97
N GLY A 96 -6.09 30.16 -11.04
CA GLY A 96 -5.93 29.15 -9.99
C GLY A 96 -5.37 27.84 -10.54
N VAL A 97 -4.69 27.92 -11.70
CA VAL A 97 -4.23 26.72 -12.37
C VAL A 97 -2.73 26.83 -12.61
N SER A 98 -1.98 25.78 -12.17
CA SER A 98 -0.58 25.68 -12.43
C SER A 98 -0.30 25.04 -13.77
N SER A 99 0.85 25.29 -14.33
CA SER A 99 1.28 24.76 -15.60
C SER A 99 2.14 23.53 -15.41
N ARG A 100 2.24 22.75 -16.46
CA ARG A 100 3.10 21.58 -16.44
C ARG A 100 4.56 22.00 -16.22
N GLU A 101 4.96 23.10 -16.87
CA GLU A 101 6.34 23.60 -16.73
C GLU A 101 6.67 23.96 -15.29
N LEU A 102 5.72 24.57 -14.59
CA LEU A 102 5.94 24.97 -13.20
C LEU A 102 6.06 23.71 -12.33
N VAL A 103 5.20 22.70 -12.50
CA VAL A 103 5.26 21.50 -11.69
C VAL A 103 6.60 20.81 -11.92
N LYS A 104 7.04 20.70 -13.19
CA LYS A 104 8.33 20.12 -13.53
C LYS A 104 9.47 20.89 -12.85
N LYS A 105 9.41 22.23 -12.87
CA LYS A 105 10.43 23.03 -12.20
C LYS A 105 10.52 22.68 -10.72
N VAL A 106 9.39 22.61 -10.03
CA VAL A 106 9.41 22.25 -8.63
C VAL A 106 9.97 20.85 -8.42
N SER A 107 9.58 19.88 -9.27
CA SER A 107 10.10 18.54 -9.18
C SER A 107 11.63 18.51 -9.37
N ASP A 108 12.13 19.32 -10.34
CA ASP A 108 13.55 19.39 -10.59
C ASP A 108 14.32 20.00 -9.40
N VAL A 109 13.72 21.01 -8.76
CA VAL A 109 14.38 21.64 -7.61
C VAL A 109 14.55 20.63 -6.48
N ILE A 110 13.52 19.84 -6.17
CA ILE A 110 13.63 18.82 -5.15
C ILE A 110 14.65 17.75 -5.55
N TRP A 111 14.49 17.19 -6.74
CA TRP A 111 15.36 16.14 -7.25
C TRP A 111 16.83 16.57 -7.23
N ASN A 112 17.09 17.77 -7.75
CA ASN A 112 18.45 18.26 -7.88
C ASN A 112 19.09 18.53 -6.51
N SER A 113 18.29 18.67 -5.44
CA SER A 113 18.80 18.94 -4.08
C SER A 113 19.34 17.68 -3.40
N LEU A 114 18.96 16.50 -3.89
CA LEU A 114 19.26 15.28 -3.19
C LEU A 114 20.73 14.94 -3.28
N SER A 115 21.23 14.22 -2.25
CA SER A 115 22.58 13.67 -2.21
C SER A 115 22.80 12.87 -3.49
N ARG A 116 24.05 12.97 -3.99
CA ARG A 116 24.43 12.42 -5.29
C ARG A 116 24.21 10.91 -5.28
N SER A 117 24.59 10.29 -4.17
CA SER A 117 24.57 8.85 -4.03
C SER A 117 24.15 8.51 -2.62
N TYR A 118 23.08 7.71 -2.49
CA TYR A 118 22.66 7.24 -1.19
C TYR A 118 21.75 6.04 -1.39
N PHE A 119 21.55 5.24 -0.32
CA PHE A 119 20.68 4.08 -0.38
C PHE A 119 19.23 4.56 -0.28
N LYS A 120 18.44 4.35 -1.35
CA LYS A 120 17.12 4.97 -1.48
C LYS A 120 16.05 4.22 -0.69
N ASP A 121 16.45 3.06 -0.17
CA ASP A 121 15.62 2.05 0.47
C ASP A 121 15.71 2.09 2.00
N ARG A 122 16.40 3.08 2.54
CA ARG A 122 16.53 3.26 3.97
C ARG A 122 15.19 3.70 4.59
N ALA A 123 15.06 3.40 5.86
CA ALA A 123 14.00 3.89 6.71
C ALA A 123 14.31 5.31 7.11
N HIS A 124 13.24 6.05 7.44
CA HIS A 124 13.32 7.35 8.05
C HIS A 124 13.84 8.42 7.09
N ILE A 125 13.63 8.23 5.76
CA ILE A 125 14.02 9.26 4.81
C ILE A 125 12.77 9.69 4.02
N GLN A 126 11.62 9.78 4.70
CA GLN A 126 10.35 10.06 4.02
C GLN A 126 9.91 11.52 4.21
N SER A 127 10.43 12.21 5.23
CA SER A 127 9.89 13.50 5.69
C SER A 127 10.71 14.69 5.20
N LEU A 128 10.15 15.90 5.36
CA LEU A 128 10.94 17.07 5.02
C LEU A 128 12.08 17.27 6.01
N PHE A 129 11.98 16.69 7.21
CA PHE A 129 13.15 16.73 8.12
C PHE A 129 14.34 16.02 7.48
N SER A 130 14.15 14.86 6.86
CA SER A 130 15.21 14.16 6.16
C SER A 130 15.71 14.97 4.98
N PHE A 131 14.80 15.56 4.21
CA PHE A 131 15.22 16.37 3.09
C PHE A 131 16.14 17.51 3.53
N ILE A 132 15.77 18.24 4.59
CA ILE A 132 16.59 19.39 5.00
C ILE A 132 17.90 18.95 5.69
N THR A 133 17.84 17.99 6.58
CA THR A 133 19.01 17.69 7.43
C THR A 133 19.94 16.69 6.78
N GLY A 134 19.42 15.82 5.91
CA GLY A 134 20.21 14.77 5.31
C GLY A 134 20.26 14.82 3.79
N THR A 135 19.52 15.75 3.17
CA THR A 135 19.39 15.84 1.70
C THR A 135 19.07 14.47 1.09
N LYS A 136 18.18 13.73 1.74
CA LYS A 136 17.79 12.40 1.31
C LYS A 136 16.26 12.22 1.42
N LEU A 137 15.68 11.62 0.37
CA LEU A 137 14.27 11.25 0.32
C LEU A 137 14.12 9.89 -0.36
N ASP A 138 13.13 9.12 0.10
CA ASP A 138 12.69 7.91 -0.59
C ASP A 138 11.77 8.31 -1.75
N SER A 139 11.39 7.31 -2.56
N SER A 139 11.39 7.33 -2.58
CA SER A 139 10.64 7.53 -3.79
CA SER A 139 10.68 7.64 -3.82
C SER A 139 9.40 8.38 -3.59
C SER A 139 9.38 8.41 -3.60
N SER A 140 8.51 7.93 -2.73
CA SER A 140 7.27 8.61 -2.50
C SER A 140 7.51 9.92 -1.75
N GLY A 141 8.57 10.00 -0.95
CA GLY A 141 8.93 11.21 -0.22
C GLY A 141 9.19 12.37 -1.18
N VAL A 142 9.80 12.08 -2.30
CA VAL A 142 10.04 13.13 -3.31
C VAL A 142 8.70 13.71 -3.79
N ALA A 143 7.71 12.85 -4.11
CA ALA A 143 6.42 13.33 -4.56
C ALA A 143 5.77 14.17 -3.46
N PHE A 144 5.81 13.72 -2.19
CA PHE A 144 5.22 14.51 -1.11
C PHE A 144 5.91 15.87 -1.02
N ALA A 145 7.24 15.85 -1.12
CA ALA A 145 8.01 17.11 -1.00
C ALA A 145 7.67 18.09 -2.12
N VAL A 146 7.41 17.58 -3.33
CA VAL A 146 6.98 18.44 -4.42
C VAL A 146 5.64 19.10 -4.07
N VAL A 147 4.70 18.35 -3.52
CA VAL A 147 3.40 18.88 -3.16
C VAL A 147 3.54 19.90 -2.02
N GLY A 148 4.41 19.65 -1.05
CA GLY A 148 4.64 20.59 0.05
C GLY A 148 5.26 21.89 -0.46
N ALA A 149 6.20 21.77 -1.36
CA ALA A 149 6.84 22.93 -1.99
C ALA A 149 5.78 23.73 -2.75
N CYS A 150 4.89 23.05 -3.49
CA CYS A 150 3.89 23.74 -4.26
C CYS A 150 2.93 24.46 -3.33
N GLN A 151 2.54 23.85 -2.23
CA GLN A 151 1.69 24.56 -1.26
C GLN A 151 2.41 25.80 -0.74
N ALA A 152 3.69 25.66 -0.42
CA ALA A 152 4.43 26.81 0.12
C ALA A 152 4.50 27.96 -0.88
N LEU A 153 4.40 27.65 -2.18
CA LEU A 153 4.43 28.61 -3.28
C LEU A 153 3.05 29.19 -3.58
N GLY A 154 1.99 28.72 -2.92
CA GLY A 154 0.63 29.18 -3.19
C GLY A 154 -0.12 28.43 -4.28
N LEU A 155 0.35 27.24 -4.67
CA LEU A 155 -0.23 26.53 -5.81
C LEU A 155 -1.28 25.54 -5.31
N ARG A 156 -2.47 26.03 -5.06
CA ARG A 156 -3.47 25.28 -4.33
C ARG A 156 -3.98 24.07 -5.14
N ASP A 157 -3.77 24.09 -6.45
CA ASP A 157 -4.30 23.07 -7.35
C ASP A 157 -3.38 21.84 -7.42
N VAL A 158 -2.15 21.90 -6.93
CA VAL A 158 -1.21 20.77 -7.04
C VAL A 158 -1.45 19.83 -5.87
N HIS A 159 -1.73 18.55 -6.18
CA HIS A 159 -2.08 17.56 -5.17
C HIS A 159 -1.36 16.25 -5.44
N LEU A 160 -1.24 15.49 -4.35
CA LEU A 160 -0.62 14.16 -4.42
C LEU A 160 -1.63 13.14 -4.98
N ALA A 161 -1.11 12.34 -5.88
CA ALA A 161 -1.85 11.19 -6.43
C ALA A 161 -1.13 9.92 -5.96
N LEU A 162 -1.91 8.92 -5.53
CA LEU A 162 -1.34 7.69 -4.99
C LEU A 162 -2.02 6.47 -5.62
N SER A 163 -1.18 5.54 -6.11
CA SER A 163 -1.67 4.19 -6.34
C SER A 163 -1.31 3.34 -5.11
N GLU A 164 -1.27 1.98 -5.27
CA GLU A 164 -0.92 1.13 -4.17
C GLU A 164 0.60 0.96 -4.08
N ASP A 165 1.36 1.44 -5.10
CA ASP A 165 2.81 1.26 -5.11
C ASP A 165 3.60 2.44 -5.70
N HIS A 166 2.92 3.58 -5.93
CA HIS A 166 3.57 4.71 -6.59
C HIS A 166 2.82 6.00 -6.24
N ALA A 167 3.51 7.15 -6.47
CA ALA A 167 3.00 8.49 -6.18
C ALA A 167 3.42 9.43 -7.31
N TRP A 168 2.51 10.37 -7.60
CA TRP A 168 2.75 11.42 -8.59
C TRP A 168 1.93 12.61 -8.18
N VAL A 169 1.72 13.56 -9.10
CA VAL A 169 0.90 14.73 -8.79
C VAL A 169 -0.23 14.93 -9.83
N VAL A 170 -1.31 15.54 -9.36
CA VAL A 170 -2.33 16.05 -10.24
C VAL A 170 -2.36 17.57 -10.09
N PHE A 171 -2.87 18.28 -11.11
CA PHE A 171 -2.91 19.72 -11.09
C PHE A 171 -3.79 20.19 -12.23
N GLY A 172 -3.89 21.51 -12.32
CA GLY A 172 -4.20 22.11 -13.60
C GLY A 172 -5.70 22.36 -13.67
N PRO A 173 -6.22 22.70 -14.88
CA PRO A 173 -7.65 22.97 -15.04
C PRO A 173 -8.46 21.81 -14.52
N ASN A 174 -9.35 22.08 -13.55
CA ASN A 174 -10.18 21.04 -12.96
C ASN A 174 -9.37 19.95 -12.26
N GLY A 175 -8.07 20.13 -12.01
CA GLY A 175 -7.26 19.09 -11.39
C GLY A 175 -7.10 17.83 -12.29
N GLU A 176 -7.25 18.00 -13.59
CA GLU A 176 -7.32 16.85 -14.49
C GLU A 176 -5.98 16.43 -15.10
N GLN A 177 -4.94 17.24 -14.93
CA GLN A 177 -3.66 16.91 -15.47
C GLN A 177 -2.88 16.03 -14.47
N THR A 178 -2.05 15.15 -15.02
CA THR A 178 -1.16 14.32 -14.20
C THR A 178 0.28 14.58 -14.59
N ALA A 179 1.20 14.52 -13.61
CA ALA A 179 2.62 14.53 -13.90
C ALA A 179 3.40 13.61 -12.95
N GLU A 180 4.30 12.87 -13.51
CA GLU A 180 5.30 12.12 -12.79
C GLU A 180 6.28 13.13 -12.18
N VAL A 181 6.66 12.90 -10.93
CA VAL A 181 7.59 13.79 -10.25
C VAL A 181 8.69 13.05 -9.55
N THR A 182 8.68 11.71 -9.49
CA THR A 182 9.69 10.90 -8.83
C THR A 182 10.00 9.64 -9.62
N TRP A 183 10.86 8.77 -9.10
CA TRP A 183 11.16 7.49 -9.69
C TRP A 183 10.27 6.41 -9.10
N HIS A 184 10.23 5.27 -9.78
CA HIS A 184 9.54 4.07 -9.34
C HIS A 184 10.43 2.87 -9.47
N GLY A 185 10.58 2.12 -8.39
CA GLY A 185 11.32 0.86 -8.39
C GLY A 185 12.80 1.10 -8.64
N LYS A 186 13.44 0.06 -9.16
CA LYS A 186 14.89 -0.01 -9.25
C LYS A 186 15.22 -0.42 -10.67
N GLY A 187 15.88 0.49 -11.40
CA GLY A 187 16.35 0.20 -12.75
C GLY A 187 15.27 0.40 -13.81
N ASN A 188 14.24 1.18 -13.47
CA ASN A 188 13.29 1.67 -14.46
C ASN A 188 13.78 3.04 -14.94
N GLU A 189 13.33 3.46 -16.13
CA GLU A 189 13.70 4.75 -16.70
C GLU A 189 12.79 5.86 -16.18
N ASP A 190 13.39 6.99 -15.77
N ASP A 190 13.37 7.04 -15.86
CA ASP A 190 12.68 8.20 -15.38
CA ASP A 190 12.66 8.20 -15.33
C ASP A 190 11.54 8.41 -16.39
C ASP A 190 11.67 8.83 -16.31
N ARG A 191 10.41 8.93 -15.88
CA ARG A 191 9.35 9.52 -16.70
C ARG A 191 8.88 10.86 -16.16
N ARG A 192 9.72 11.57 -15.37
CA ARG A 192 9.33 12.80 -14.72
C ARG A 192 8.84 13.81 -15.76
N GLY A 193 7.73 14.47 -15.49
CA GLY A 193 7.19 15.46 -16.39
C GLY A 193 6.05 14.89 -17.24
N GLN A 194 6.05 13.60 -17.42
CA GLN A 194 5.04 12.98 -18.28
C GLN A 194 3.75 12.67 -17.52
N THR A 195 2.67 12.47 -18.29
CA THR A 195 1.40 11.99 -17.74
C THR A 195 1.52 10.52 -17.36
N VAL A 196 0.49 10.08 -16.69
CA VAL A 196 0.30 8.66 -16.36
C VAL A 196 -0.63 7.95 -17.36
N ASN A 197 -0.98 8.61 -18.47
CA ASN A 197 -1.97 8.03 -19.38
C ASN A 197 -1.60 6.73 -20.04
N ALA A 198 -0.33 6.51 -20.41
CA ALA A 198 0.05 5.23 -20.97
C ALA A 198 -0.15 4.12 -19.97
N GLY A 199 0.24 4.39 -18.71
CA GLY A 199 0.08 3.36 -17.69
C GLY A 199 -1.38 3.01 -17.41
N VAL A 200 -2.27 4.00 -17.38
CA VAL A 200 -3.69 3.78 -17.22
C VAL A 200 -4.21 2.96 -18.40
N ALA A 201 -3.84 3.37 -19.62
CA ALA A 201 -4.38 2.70 -20.81
C ALA A 201 -3.93 1.24 -20.89
N GLU A 202 -2.74 0.90 -20.40
CA GLU A 202 -2.23 -0.48 -20.48
C GLU A 202 -2.79 -1.38 -19.39
N ARG A 203 -3.63 -0.83 -18.53
CA ARG A 203 -4.34 -1.58 -17.49
C ARG A 203 -3.35 -2.29 -16.54
N SER A 204 -2.21 -1.66 -16.23
CA SER A 204 -1.29 -2.13 -15.21
C SER A 204 -1.88 -1.95 -13.80
N TRP A 205 -1.44 -2.77 -12.84
CA TRP A 205 -1.78 -2.53 -11.43
C TRP A 205 -1.17 -1.21 -10.95
N LEU A 206 0.01 -0.83 -11.44
CA LEU A 206 0.67 0.36 -10.94
C LEU A 206 -0.20 1.62 -11.03
N TYR A 207 -1.04 1.74 -12.06
CA TYR A 207 -1.85 2.92 -12.24
C TYR A 207 -3.35 2.65 -12.03
N LEU A 208 -3.70 1.42 -11.56
CA LEU A 208 -5.02 1.09 -11.05
C LEU A 208 -6.14 1.35 -12.09
N LYS A 209 -5.82 1.30 -13.39
CA LYS A 209 -6.84 1.52 -14.42
C LYS A 209 -7.46 2.90 -14.24
N GLY A 210 -6.70 3.81 -13.62
CA GLY A 210 -7.18 5.19 -13.39
C GLY A 210 -7.93 5.38 -12.07
N SER A 211 -8.21 4.31 -11.33
CA SER A 211 -8.92 4.31 -10.04
C SER A 211 -7.91 4.53 -8.89
N TYR A 212 -7.04 5.54 -9.06
CA TYR A 212 -6.05 5.88 -8.04
C TYR A 212 -6.60 7.02 -7.17
N MET A 213 -5.90 7.29 -6.05
CA MET A 213 -6.35 8.31 -5.11
C MET A 213 -5.86 9.68 -5.55
N ARG A 214 -6.79 10.64 -5.59
CA ARG A 214 -6.49 12.04 -5.85
C ARG A 214 -6.70 12.77 -4.54
N CYS A 215 -5.61 13.09 -3.84
CA CYS A 215 -5.69 13.66 -2.50
C CYS A 215 -6.12 15.11 -2.50
N ASP A 216 -6.92 15.47 -1.49
CA ASP A 216 -7.00 16.86 -1.06
C ASP A 216 -5.94 17.06 0.02
N ARG A 217 -5.85 18.29 0.59
CA ARG A 217 -4.81 18.58 1.56
C ARG A 217 -4.92 17.69 2.79
N LYS A 218 -6.14 17.37 3.21
CA LYS A 218 -6.33 16.58 4.42
C LYS A 218 -5.82 15.16 4.20
N MET A 219 -6.08 14.62 3.00
CA MET A 219 -5.59 13.30 2.64
C MET A 219 -4.05 13.30 2.54
N GLU A 220 -3.41 14.42 2.11
CA GLU A 220 -1.95 14.54 2.12
C GLU A 220 -1.42 14.50 3.54
N VAL A 221 -2.18 15.06 4.50
CA VAL A 221 -1.85 14.86 5.92
C VAL A 221 -1.95 13.39 6.32
N ALA A 222 -3.00 12.71 5.89
CA ALA A 222 -3.11 11.30 6.16
C ALA A 222 -1.95 10.51 5.58
N PHE A 223 -1.48 10.87 4.39
CA PHE A 223 -0.35 10.15 3.80
C PHE A 223 0.88 10.29 4.71
N MET A 224 1.21 11.51 5.13
CA MET A 224 2.39 11.68 5.96
C MET A 224 2.29 10.89 7.25
N VAL A 225 1.08 10.78 7.81
CA VAL A 225 0.87 9.95 8.99
C VAL A 225 1.11 8.49 8.70
N CYS A 226 0.56 7.98 7.58
CA CYS A 226 0.84 6.62 7.21
C CYS A 226 2.33 6.41 6.94
N ALA A 227 3.02 7.48 6.52
CA ALA A 227 4.45 7.36 6.25
C ALA A 227 5.33 7.36 7.51
N ILE A 228 4.79 7.67 8.70
CA ILE A 228 5.57 7.50 9.93
C ILE A 228 6.08 6.05 9.94
N ASN A 229 7.35 5.91 10.33
CA ASN A 229 8.03 4.63 10.44
C ASN A 229 8.53 4.42 11.86
N PRO A 230 7.77 3.64 12.68
CA PRO A 230 8.19 3.37 14.07
C PRO A 230 9.39 2.47 14.27
N SER A 231 9.92 1.89 13.19
N SER A 231 9.94 1.89 13.20
CA SER A 231 11.04 0.96 13.28
CA SER A 231 10.95 0.84 13.36
C SER A 231 12.26 1.63 13.92
C SER A 231 12.31 1.41 13.78
N ILE A 232 12.78 0.98 14.96
CA ILE A 232 14.07 1.35 15.50
C ILE A 232 15.15 0.46 14.90
N ASP A 233 14.86 -0.85 14.89
CA ASP A 233 15.64 -1.81 14.12
C ASP A 233 14.73 -2.97 13.72
N LEU A 234 15.34 -4.08 13.24
CA LEU A 234 14.60 -5.21 12.68
C LEU A 234 13.70 -5.86 13.74
N HIS A 235 14.05 -5.69 15.02
CA HIS A 235 13.38 -6.40 16.10
C HIS A 235 12.59 -5.48 17.02
N THR A 236 12.75 -4.15 16.88
CA THR A 236 12.17 -3.24 17.84
C THR A 236 11.48 -2.08 17.15
N ASP A 237 10.26 -1.80 17.60
CA ASP A 237 9.54 -0.58 17.24
C ASP A 237 9.51 0.39 18.39
N SER A 238 9.42 1.69 18.08
CA SER A 238 9.13 2.74 19.02
C SER A 238 7.66 2.69 19.40
N LEU A 239 7.38 2.40 20.69
CA LEU A 239 6.03 2.49 21.19
C LEU A 239 5.45 3.89 21.06
N GLU A 240 6.31 4.92 21.22
CA GLU A 240 5.90 6.31 21.16
C GLU A 240 5.38 6.60 19.74
N LEU A 241 6.14 6.16 18.71
CA LEU A 241 5.73 6.49 17.36
C LEU A 241 4.51 5.68 16.96
N LEU A 242 4.38 4.42 17.43
CA LEU A 242 3.15 3.65 17.20
C LEU A 242 1.92 4.37 17.77
N GLN A 243 2.01 4.79 19.02
CA GLN A 243 0.97 5.56 19.68
C GLN A 243 0.63 6.84 18.91
N LEU A 244 1.66 7.61 18.48
CA LEU A 244 1.43 8.84 17.75
C LEU A 244 0.68 8.56 16.45
N GLN A 245 1.18 7.59 15.68
CA GLN A 245 0.57 7.23 14.41
C GLN A 245 -0.91 6.86 14.63
N GLN A 246 -1.18 6.02 15.63
CA GLN A 246 -2.52 5.53 15.96
C GLN A 246 -3.45 6.67 16.32
N LYS A 247 -2.99 7.58 17.18
CA LYS A 247 -3.79 8.71 17.58
C LYS A 247 -4.08 9.67 16.42
N LEU A 248 -3.07 9.93 15.56
CA LEU A 248 -3.28 10.80 14.44
C LEU A 248 -4.26 10.19 13.43
N LEU A 249 -4.13 8.88 13.22
CA LEU A 249 -5.06 8.19 12.33
C LEU A 249 -6.51 8.26 12.87
N TRP A 250 -6.71 8.14 14.22
CA TRP A 250 -8.06 8.32 14.72
C TRP A 250 -8.58 9.74 14.55
N LEU A 251 -7.68 10.73 14.72
CA LEU A 251 -8.06 12.11 14.52
C LEU A 251 -8.59 12.30 13.10
N LEU A 252 -7.77 11.86 12.11
CA LEU A 252 -8.17 11.93 10.72
C LEU A 252 -9.45 11.14 10.46
N TYR A 253 -9.58 9.96 11.03
CA TYR A 253 -10.79 9.15 10.86
C TYR A 253 -12.05 9.90 11.31
N ASP A 254 -11.97 10.54 12.48
CA ASP A 254 -13.09 11.24 13.08
C ASP A 254 -13.51 12.44 12.26
N LEU A 255 -12.56 13.08 11.56
CA LEU A 255 -12.84 14.23 10.73
C LEU A 255 -13.34 13.86 9.34
N GLY A 256 -13.27 12.57 9.00
CA GLY A 256 -13.75 12.10 7.71
C GLY A 256 -12.68 11.90 6.66
N HIS A 257 -11.40 12.07 7.04
CA HIS A 257 -10.35 12.18 6.01
C HIS A 257 -9.73 10.85 5.66
N LEU A 258 -10.16 9.75 6.29
CA LEU A 258 -9.79 8.40 5.83
C LEU A 258 -10.86 7.75 4.95
N GLU A 259 -12.00 8.40 4.72
CA GLU A 259 -13.13 7.81 4.00
C GLU A 259 -12.73 7.27 2.65
N ARG A 260 -11.81 7.95 1.97
CA ARG A 260 -11.39 7.61 0.61
C ARG A 260 -9.94 7.08 0.62
N TYR A 261 -9.51 6.48 1.75
CA TYR A 261 -8.11 6.03 1.88
C TYR A 261 -8.04 4.60 2.43
N PRO A 262 -8.35 3.59 1.58
CA PRO A 262 -8.39 2.20 2.05
C PRO A 262 -7.17 1.75 2.83
N MET A 263 -5.98 2.04 2.30
CA MET A 263 -4.76 1.55 2.92
C MET A 263 -4.54 2.13 4.33
N ALA A 264 -4.99 3.38 4.54
CA ALA A 264 -4.88 4.00 5.88
C ALA A 264 -5.81 3.29 6.88
N LEU A 265 -7.00 2.91 6.39
CA LEU A 265 -7.94 2.15 7.22
C LEU A 265 -7.35 0.79 7.65
N GLY A 266 -6.71 0.08 6.71
CA GLY A 266 -6.00 -1.15 7.01
C GLY A 266 -4.91 -0.93 8.03
N ASN A 267 -4.13 0.13 7.82
CA ASN A 267 -3.04 0.48 8.74
C ASN A 267 -3.61 0.68 10.14
N LEU A 268 -4.69 1.44 10.25
CA LEU A 268 -5.32 1.70 11.54
C LEU A 268 -5.80 0.39 12.18
N ALA A 269 -6.42 -0.46 11.36
CA ALA A 269 -6.86 -1.75 11.89
C ALA A 269 -5.70 -2.57 12.46
N ASP A 270 -4.56 -2.59 11.74
CA ASP A 270 -3.37 -3.28 12.20
C ASP A 270 -2.91 -2.74 13.54
N LEU A 271 -2.94 -1.42 13.72
CA LEU A 271 -2.47 -0.80 14.95
C LEU A 271 -3.43 -1.16 16.11
N GLU A 272 -4.74 -1.19 15.85
CA GLU A 272 -5.75 -1.58 16.83
C GLU A 272 -5.59 -3.02 17.27
N GLU A 273 -5.19 -3.91 16.35
CA GLU A 273 -4.98 -5.29 16.74
C GLU A 273 -3.80 -5.38 17.70
N LEU A 274 -2.73 -4.63 17.43
CA LEU A 274 -1.54 -4.60 18.30
C LEU A 274 -1.90 -4.04 19.67
N GLU A 275 -2.64 -2.94 19.71
CA GLU A 275 -2.91 -2.25 20.96
C GLU A 275 -4.28 -1.60 20.88
N PRO A 276 -5.37 -2.28 21.30
CA PRO A 276 -6.71 -1.75 21.07
C PRO A 276 -6.95 -0.47 21.86
N THR A 277 -7.62 0.48 21.22
CA THR A 277 -8.04 1.70 21.88
C THR A 277 -9.44 1.46 22.46
N PRO A 278 -9.68 1.59 23.78
CA PRO A 278 -11.03 1.36 24.31
C PRO A 278 -12.07 2.25 23.66
N GLY A 279 -13.21 1.65 23.32
CA GLY A 279 -14.33 2.37 22.76
C GLY A 279 -14.26 2.58 21.24
N ARG A 280 -13.25 2.01 20.57
CA ARG A 280 -13.17 2.10 19.11
C ARG A 280 -13.60 0.80 18.43
N PRO A 281 -13.89 0.88 17.11
CA PRO A 281 -14.21 -0.29 16.28
C PRO A 281 -13.14 -1.35 16.30
N ASP A 282 -13.58 -2.61 16.24
CA ASP A 282 -12.68 -3.73 16.13
C ASP A 282 -11.85 -3.65 14.83
N PRO A 283 -10.66 -4.26 14.83
CA PRO A 283 -9.89 -4.42 13.61
C PRO A 283 -10.70 -4.94 12.41
N LEU A 284 -11.51 -5.98 12.60
CA LEU A 284 -12.28 -6.52 11.49
C LEU A 284 -13.18 -5.47 10.91
N THR A 285 -13.88 -4.67 11.75
CA THR A 285 -14.75 -3.64 11.27
C THR A 285 -13.96 -2.67 10.35
N LEU A 286 -12.78 -2.32 10.77
CA LEU A 286 -11.92 -1.39 10.03
C LEU A 286 -11.43 -2.00 8.70
N TYR A 287 -11.05 -3.28 8.72
CA TYR A 287 -10.66 -3.92 7.46
C TYR A 287 -11.81 -3.91 6.45
N HIS A 288 -13.03 -4.21 6.93
CA HIS A 288 -14.21 -4.16 6.10
C HIS A 288 -14.54 -2.75 5.61
N LYS A 289 -14.28 -1.75 6.46
N LYS A 289 -14.31 -1.72 6.45
CA LYS A 289 -14.47 -0.37 6.05
CA LYS A 289 -14.51 -0.36 6.01
C LYS A 289 -13.49 -0.02 4.92
C LYS A 289 -13.49 -0.01 4.91
N GLY A 290 -12.27 -0.55 5.00
CA GLY A 290 -11.29 -0.30 3.92
C GLY A 290 -11.75 -0.90 2.57
N ILE A 291 -12.25 -2.12 2.61
CA ILE A 291 -12.84 -2.77 1.45
C ILE A 291 -14.01 -1.96 0.91
N ALA A 292 -14.93 -1.52 1.82
CA ALA A 292 -16.04 -0.68 1.41
C ALA A 292 -15.60 0.63 0.73
N SER A 293 -14.57 1.24 1.26
CA SER A 293 -14.01 2.45 0.65
C SER A 293 -13.54 2.17 -0.78
N ALA A 294 -12.84 1.05 -0.97
CA ALA A 294 -12.35 0.71 -2.31
C ALA A 294 -13.51 0.45 -3.28
N LYS A 295 -14.55 -0.26 -2.79
CA LYS A 295 -15.73 -0.48 -3.62
C LYS A 295 -16.47 0.82 -3.94
N THR A 296 -16.58 1.73 -2.96
CA THR A 296 -17.35 2.96 -3.13
C THR A 296 -16.65 3.98 -4.03
N TYR A 297 -15.33 4.17 -3.81
CA TYR A 297 -14.64 5.29 -4.43
C TYR A 297 -13.71 4.87 -5.57
N TYR A 298 -13.35 3.58 -5.64
CA TYR A 298 -12.30 3.15 -6.56
C TYR A 298 -12.71 1.91 -7.36
N ARG A 299 -13.99 1.73 -7.59
CA ARG A 299 -14.52 0.73 -8.51
C ARG A 299 -14.10 -0.67 -8.07
N ASP A 300 -13.79 -0.90 -6.80
CA ASP A 300 -13.34 -2.20 -6.30
C ASP A 300 -12.15 -2.66 -7.13
N GLU A 301 -11.22 -1.75 -7.45
CA GLU A 301 -10.04 -2.04 -8.25
C GLU A 301 -8.73 -2.06 -7.45
N HIS A 302 -8.82 -2.06 -6.11
CA HIS A 302 -7.67 -2.11 -5.23
C HIS A 302 -7.42 -3.54 -4.75
N ILE A 303 -6.13 -3.88 -4.63
CA ILE A 303 -5.74 -5.20 -4.13
C ILE A 303 -5.54 -5.26 -2.62
N TYR A 304 -4.92 -4.24 -2.06
CA TYR A 304 -4.48 -4.30 -0.69
C TYR A 304 -5.62 -4.32 0.33
N PRO A 305 -6.85 -3.82 0.08
CA PRO A 305 -7.90 -3.94 1.11
C PRO A 305 -8.13 -5.42 1.46
N TYR A 306 -8.12 -6.26 0.43
CA TYR A 306 -8.32 -7.69 0.66
C TYR A 306 -7.08 -8.37 1.24
N MET A 307 -5.88 -7.96 0.84
N MET A 307 -5.86 -7.95 0.86
CA MET A 307 -4.67 -8.48 1.42
CA MET A 307 -4.66 -8.52 1.44
C MET A 307 -4.57 -8.17 2.92
C MET A 307 -4.50 -8.14 2.92
N TYR A 308 -4.94 -6.94 3.32
CA TYR A 308 -4.96 -6.55 4.72
C TYR A 308 -5.84 -7.52 5.52
N LEU A 309 -7.03 -7.79 4.98
CA LEU A 309 -8.01 -8.66 5.64
C LEU A 309 -7.45 -10.08 5.71
N ALA A 310 -6.91 -10.56 4.57
CA ALA A 310 -6.37 -11.92 4.55
C ALA A 310 -5.23 -12.10 5.56
N ASP A 311 -4.31 -11.12 5.64
N ASP A 311 -4.34 -11.11 5.64
CA ASP A 311 -3.19 -11.20 6.57
CA ASP A 311 -3.19 -11.18 6.55
C ASP A 311 -3.69 -11.27 7.99
C ASP A 311 -3.68 -11.26 7.99
N TYR A 312 -4.71 -10.49 8.34
CA TYR A 312 -5.30 -10.56 9.67
C TYR A 312 -5.82 -11.98 9.95
N HIS A 313 -6.59 -12.57 9.03
CA HIS A 313 -7.10 -13.93 9.25
C HIS A 313 -5.95 -14.92 9.31
N CYS A 314 -4.94 -14.77 8.48
CA CYS A 314 -3.77 -15.64 8.51
C CYS A 314 -3.11 -15.57 9.88
N ARG A 315 -2.90 -14.38 10.42
CA ARG A 315 -2.20 -14.21 11.71
C ARG A 315 -2.97 -14.93 12.80
N ASN A 316 -4.32 -14.91 12.70
CA ASN A 316 -5.25 -15.43 13.69
C ASN A 316 -5.61 -16.89 13.34
N ARG A 317 -4.91 -17.47 12.34
CA ARG A 317 -5.12 -18.85 11.89
C ARG A 317 -6.59 -19.13 11.63
N ASN A 318 -7.24 -18.16 11.01
N ASN A 318 -7.32 -18.17 11.01
CA ASN A 318 -8.55 -18.37 10.49
CA ASN A 318 -8.70 -18.31 10.55
C ASN A 318 -8.35 -18.76 9.03
C ASN A 318 -8.65 -18.78 9.07
N VAL A 319 -8.27 -20.06 8.80
CA VAL A 319 -7.90 -20.54 7.47
C VAL A 319 -9.00 -20.24 6.46
N ARG A 320 -10.24 -20.55 6.81
CA ARG A 320 -11.35 -20.31 5.92
C ARG A 320 -11.41 -18.85 5.45
N GLU A 321 -11.42 -17.94 6.42
CA GLU A 321 -11.59 -16.54 6.09
C GLU A 321 -10.36 -15.99 5.39
N ALA A 322 -9.17 -16.50 5.67
CA ALA A 322 -7.97 -16.11 4.95
C ALA A 322 -8.09 -16.51 3.48
N LEU A 323 -8.46 -17.78 3.25
CA LEU A 323 -8.66 -18.26 1.89
C LEU A 323 -9.73 -17.46 1.14
N GLN A 324 -10.81 -17.14 1.82
CA GLN A 324 -11.82 -16.33 1.15
C GLN A 324 -11.28 -14.95 0.75
N ALA A 325 -10.53 -14.31 1.64
CA ALA A 325 -10.02 -12.98 1.32
C ALA A 325 -8.97 -13.04 0.22
N TRP A 326 -8.13 -14.08 0.18
CA TRP A 326 -7.18 -14.20 -0.94
C TRP A 326 -7.91 -14.53 -2.23
N ALA A 327 -8.98 -15.31 -2.19
CA ALA A 327 -9.82 -15.49 -3.36
C ALA A 327 -10.34 -14.15 -3.86
N ASP A 328 -10.80 -13.31 -2.92
CA ASP A 328 -11.30 -12.00 -3.29
C ASP A 328 -10.19 -11.10 -3.86
N THR A 329 -9.01 -11.20 -3.31
N THR A 329 -8.95 -11.23 -3.40
CA THR A 329 -7.86 -10.53 -3.85
CA THR A 329 -7.82 -10.47 -3.95
C THR A 329 -7.70 -10.86 -5.33
C THR A 329 -7.60 -10.86 -5.40
N ALA A 330 -7.66 -12.16 -5.65
CA ALA A 330 -7.47 -12.64 -7.01
C ALA A 330 -8.58 -12.25 -7.96
N THR A 331 -9.80 -12.06 -7.43
CA THR A 331 -10.94 -11.66 -8.24
C THR A 331 -10.74 -10.21 -8.69
N VAL A 332 -9.98 -9.42 -7.92
CA VAL A 332 -9.67 -8.07 -8.37
C VAL A 332 -8.58 -8.10 -9.43
N ILE A 333 -7.49 -8.82 -9.14
CA ILE A 333 -6.35 -8.78 -10.04
C ILE A 333 -6.69 -9.36 -11.42
N GLN A 334 -7.71 -10.21 -11.52
CA GLN A 334 -7.99 -10.90 -12.77
C GLN A 334 -8.29 -9.94 -13.93
N ASP A 335 -8.81 -8.72 -13.62
CA ASP A 335 -9.18 -7.73 -14.61
C ASP A 335 -8.04 -6.76 -14.90
N TYR A 336 -6.81 -7.07 -14.51
CA TYR A 336 -5.64 -6.27 -14.84
C TYR A 336 -4.77 -7.01 -15.84
N ASN A 337 -3.85 -6.29 -16.46
CA ASN A 337 -2.76 -6.86 -17.25
C ASN A 337 -1.48 -6.75 -16.47
N TYR A 338 -0.71 -7.85 -16.37
CA TYR A 338 0.54 -7.83 -15.63
C TYR A 338 1.61 -7.11 -16.47
N CYS A 339 2.05 -5.95 -16.02
CA CYS A 339 3.01 -5.12 -16.76
C CYS A 339 4.33 -4.97 -16.00
N ARG A 340 5.35 -4.46 -16.75
CA ARG A 340 6.75 -4.36 -16.35
C ARG A 340 7.06 -3.87 -14.95
N GLU A 341 6.31 -2.94 -14.44
CA GLU A 341 6.59 -2.29 -13.15
C GLU A 341 5.59 -2.70 -12.07
N ASP A 342 4.91 -3.82 -12.28
CA ASP A 342 3.95 -4.39 -11.34
C ASP A 342 4.58 -5.47 -10.47
N GLU A 343 5.92 -5.55 -10.43
CA GLU A 343 6.59 -6.69 -9.78
C GLU A 343 6.22 -6.78 -8.29
N GLU A 344 5.95 -5.70 -7.58
CA GLU A 344 5.64 -5.84 -6.16
C GLU A 344 4.39 -6.70 -5.93
N ILE A 345 3.35 -6.55 -6.75
CA ILE A 345 2.11 -7.32 -6.54
C ILE A 345 2.29 -8.76 -7.03
N TYR A 346 3.14 -9.00 -8.04
CA TYR A 346 3.52 -10.37 -8.38
C TYR A 346 4.19 -11.04 -7.20
N LYS A 347 5.13 -10.35 -6.55
CA LYS A 347 5.83 -10.91 -5.41
C LYS A 347 4.85 -11.24 -4.29
N GLU A 348 3.86 -10.42 -4.08
CA GLU A 348 2.87 -10.71 -3.04
C GLU A 348 2.05 -11.95 -3.38
N PHE A 349 1.51 -12.06 -4.59
CA PHE A 349 0.79 -13.25 -4.98
C PHE A 349 1.67 -14.49 -4.92
N PHE A 350 2.93 -14.37 -5.40
CA PHE A 350 3.84 -15.52 -5.34
C PHE A 350 4.06 -16.01 -3.91
N GLU A 351 4.28 -15.09 -2.98
CA GLU A 351 4.52 -15.48 -1.60
C GLU A 351 3.27 -16.12 -0.99
N VAL A 352 2.06 -15.61 -1.32
CA VAL A 352 0.85 -16.21 -0.77
C VAL A 352 0.65 -17.63 -1.30
N ALA A 353 0.79 -17.82 -2.63
CA ALA A 353 0.57 -19.12 -3.25
C ALA A 353 1.63 -20.14 -2.85
N ASN A 354 2.89 -19.70 -2.73
CA ASN A 354 4.01 -20.62 -2.69
C ASN A 354 4.71 -20.68 -1.35
N ASP A 355 4.25 -19.95 -0.36
CA ASP A 355 4.80 -19.98 0.99
C ASP A 355 3.70 -19.93 2.02
N VAL A 356 2.88 -18.88 2.01
CA VAL A 356 1.93 -18.63 3.08
C VAL A 356 0.83 -19.70 3.08
N ILE A 357 0.12 -19.89 1.97
CA ILE A 357 -0.90 -20.91 1.94
C ILE A 357 -0.33 -22.29 2.23
N PRO A 358 0.79 -22.72 1.62
CA PRO A 358 1.33 -24.03 1.98
C PRO A 358 1.58 -24.22 3.48
N ASN A 359 2.06 -23.17 4.15
CA ASN A 359 2.36 -23.28 5.58
C ASN A 359 1.07 -23.37 6.39
N LEU A 360 0.07 -22.59 6.02
CA LEU A 360 -1.22 -22.65 6.68
C LEU A 360 -1.85 -24.04 6.53
N LEU A 361 -1.82 -24.61 5.31
CA LEU A 361 -2.45 -25.89 5.09
C LEU A 361 -1.67 -27.02 5.78
N LYS A 362 -0.34 -26.90 5.86
CA LYS A 362 0.48 -27.90 6.55
C LYS A 362 0.08 -27.99 8.03
N GLU A 363 -0.03 -26.85 8.70
CA GLU A 363 -0.51 -26.82 10.07
C GLU A 363 -1.94 -27.36 10.14
N ALA A 364 -2.82 -26.95 9.23
CA ALA A 364 -4.17 -27.47 9.27
C ALA A 364 -4.18 -28.99 9.15
N ALA A 365 -3.29 -29.58 8.35
CA ALA A 365 -3.21 -31.00 8.16
C ALA A 365 -2.81 -31.68 9.48
N SER A 366 -1.85 -31.09 10.20
CA SER A 366 -1.42 -31.64 11.48
C SER A 366 -2.56 -31.58 12.48
N LEU A 367 -3.29 -30.47 12.50
CA LEU A 367 -4.38 -30.32 13.45
C LEU A 367 -5.53 -31.27 13.12
N LEU A 368 -5.76 -31.54 11.82
CA LEU A 368 -6.81 -32.49 11.43
C LEU A 368 -6.44 -33.90 11.90
N GLU A 369 -5.17 -34.25 11.72
CA GLU A 369 -4.63 -35.52 12.22
C GLU A 369 -4.92 -35.66 13.71
N ALA A 370 -4.78 -34.57 14.48
CA ALA A 370 -5.04 -34.56 15.90
C ALA A 370 -6.52 -34.42 16.29
N GLY A 371 -7.43 -34.49 15.31
CA GLY A 371 -8.86 -34.59 15.54
C GLY A 371 -9.61 -33.26 15.53
N SER A 372 -9.07 -32.23 14.87
CA SER A 372 -9.80 -30.98 14.80
C SER A 372 -11.13 -31.14 14.05
N GLN A 373 -12.11 -30.34 14.49
CA GLN A 373 -13.46 -30.33 13.95
C GLN A 373 -13.66 -29.00 13.27
N GLY A 374 -14.42 -29.06 12.18
CA GLY A 374 -14.73 -27.86 11.41
C GLY A 374 -13.52 -27.37 10.63
N SER A 375 -12.58 -28.30 10.35
CA SER A 375 -11.35 -27.95 9.66
C SER A 375 -11.65 -27.37 8.28
N ALA A 376 -10.88 -26.35 7.87
CA ALA A 376 -10.95 -25.85 6.50
C ALA A 376 -10.68 -26.98 5.52
N LEU A 377 -9.89 -27.98 5.90
CA LEU A 377 -9.52 -29.04 4.97
C LEU A 377 -10.68 -30.00 4.69
N GLN A 378 -11.72 -29.98 5.53
CA GLN A 378 -12.93 -30.77 5.31
C GLN A 378 -14.10 -29.93 4.84
N ASP A 379 -13.83 -28.65 4.50
CA ASP A 379 -14.84 -27.71 4.09
C ASP A 379 -14.73 -27.51 2.57
N PRO A 380 -15.65 -28.04 1.74
CA PRO A 380 -15.58 -27.78 0.32
C PRO A 380 -15.58 -26.32 -0.12
N GLU A 381 -16.21 -25.45 0.66
N GLU A 381 -16.19 -25.43 0.67
CA GLU A 381 -16.18 -24.02 0.38
CA GLU A 381 -16.15 -24.02 0.35
C GLU A 381 -14.74 -23.49 0.45
C GLU A 381 -14.72 -23.50 0.43
N CYS A 382 -13.89 -24.05 1.32
CA CYS A 382 -12.51 -23.64 1.40
C CYS A 382 -11.71 -24.14 0.20
N PHE A 383 -12.02 -25.37 -0.25
CA PHE A 383 -11.39 -25.83 -1.46
C PHE A 383 -11.80 -24.91 -2.63
N ALA A 384 -13.08 -24.52 -2.70
CA ALA A 384 -13.53 -23.59 -3.74
C ALA A 384 -12.79 -22.25 -3.66
N HIS A 385 -12.53 -21.73 -2.45
CA HIS A 385 -11.77 -20.47 -2.36
C HIS A 385 -10.34 -20.64 -2.92
N LEU A 386 -9.67 -21.75 -2.62
CA LEU A 386 -8.35 -22.03 -3.16
C LEU A 386 -8.39 -22.04 -4.69
N LEU A 387 -9.42 -22.71 -5.25
CA LEU A 387 -9.56 -22.74 -6.71
C LEU A 387 -9.84 -21.35 -7.29
N ARG A 388 -10.62 -20.53 -6.62
CA ARG A 388 -10.93 -19.18 -7.09
C ARG A 388 -9.68 -18.29 -7.07
N PHE A 389 -8.81 -18.49 -6.07
CA PHE A 389 -7.55 -17.79 -5.97
C PHE A 389 -6.71 -18.07 -7.20
N TYR A 390 -6.52 -19.37 -7.53
CA TYR A 390 -5.73 -19.67 -8.69
C TYR A 390 -6.41 -19.24 -9.99
N ASP A 391 -7.74 -19.31 -10.07
CA ASP A 391 -8.48 -18.85 -11.25
C ASP A 391 -8.21 -17.38 -11.57
N GLY A 392 -8.21 -16.56 -10.52
CA GLY A 392 -8.01 -15.11 -10.69
C GLY A 392 -6.58 -14.84 -11.18
N ILE A 393 -5.58 -15.59 -10.70
CA ILE A 393 -4.20 -15.42 -11.11
C ILE A 393 -4.05 -15.86 -12.56
N CYS A 394 -4.71 -16.95 -12.95
CA CYS A 394 -4.65 -17.38 -14.33
C CYS A 394 -5.32 -16.37 -15.26
N LYS A 395 -6.44 -15.79 -14.83
CA LYS A 395 -7.14 -14.84 -15.67
C LYS A 395 -6.32 -13.54 -15.79
N TRP A 396 -5.65 -13.11 -14.71
CA TRP A 396 -4.72 -12.00 -14.73
C TRP A 396 -3.72 -12.15 -15.85
N GLU A 397 -3.16 -13.34 -15.99
CA GLU A 397 -2.13 -13.62 -16.98
C GLU A 397 -2.66 -13.48 -18.40
N GLU A 398 -3.92 -13.78 -18.63
CA GLU A 398 -4.53 -13.70 -19.94
C GLU A 398 -4.45 -12.28 -20.49
N GLY A 399 -3.88 -12.15 -21.70
CA GLY A 399 -3.83 -10.83 -22.30
C GLY A 399 -2.67 -9.97 -21.81
N SER A 400 -1.87 -10.47 -20.88
CA SER A 400 -0.80 -9.69 -20.27
C SER A 400 0.44 -9.72 -21.17
N PRO A 401 1.25 -8.65 -21.12
CA PRO A 401 2.48 -8.63 -21.94
C PRO A 401 3.60 -9.48 -21.36
N THR A 402 3.50 -9.80 -20.07
CA THR A 402 4.48 -10.63 -19.40
C THR A 402 3.74 -11.76 -18.69
N PRO A 403 4.20 -13.03 -18.81
CA PRO A 403 3.52 -14.16 -18.17
C PRO A 403 3.66 -14.10 -16.66
N VAL A 404 2.77 -14.87 -16.00
CA VAL A 404 2.75 -14.92 -14.54
C VAL A 404 3.23 -16.27 -14.04
N LEU A 405 2.54 -17.32 -14.49
CA LEU A 405 2.78 -18.67 -14.02
C LEU A 405 3.98 -19.31 -14.68
N HIS A 406 4.60 -20.17 -13.92
CA HIS A 406 5.66 -21.02 -14.46
C HIS A 406 5.70 -22.27 -13.59
N VAL A 407 6.60 -23.20 -13.94
CA VAL A 407 6.60 -24.49 -13.31
C VAL A 407 6.93 -24.40 -11.81
N GLY A 408 7.61 -23.32 -11.40
CA GLY A 408 7.91 -23.12 -9.99
C GLY A 408 6.67 -22.85 -9.14
N TRP A 409 5.48 -22.60 -9.74
CA TRP A 409 4.19 -22.52 -9.06
C TRP A 409 3.50 -23.89 -9.00
N ALA A 410 3.89 -24.81 -9.89
CA ALA A 410 3.03 -25.96 -10.11
C ALA A 410 3.16 -26.96 -8.99
N THR A 411 4.34 -27.16 -8.41
CA THR A 411 4.50 -28.14 -7.37
C THR A 411 3.69 -27.69 -6.14
N PHE A 412 3.66 -26.38 -5.88
CA PHE A 412 2.91 -25.90 -4.73
C PHE A 412 1.40 -26.06 -4.95
N LEU A 413 0.89 -25.79 -6.16
CA LEU A 413 -0.49 -26.05 -6.49
C LEU A 413 -0.86 -27.52 -6.25
N VAL A 414 -0.04 -28.46 -6.74
CA VAL A 414 -0.37 -29.86 -6.56
C VAL A 414 -0.41 -30.22 -5.08
N GLN A 415 0.54 -29.73 -4.32
CA GLN A 415 0.60 -30.01 -2.90
C GLN A 415 -0.62 -29.44 -2.18
N SER A 416 -0.97 -28.19 -2.50
CA SER A 416 -2.09 -27.58 -1.84
C SER A 416 -3.41 -28.31 -2.16
N LEU A 417 -3.64 -28.61 -3.44
CA LEU A 417 -4.81 -29.37 -3.84
C LEU A 417 -4.90 -30.64 -3.03
N GLY A 418 -3.75 -31.31 -2.88
CA GLY A 418 -3.68 -32.63 -2.25
C GLY A 418 -3.96 -32.59 -0.75
N ARG A 419 -3.90 -31.41 -0.13
CA ARG A 419 -4.23 -31.24 1.29
C ARG A 419 -5.72 -31.42 1.57
N PHE A 420 -6.56 -31.40 0.53
CA PHE A 420 -7.97 -31.69 0.65
C PHE A 420 -8.21 -33.10 0.13
N GLU A 421 -8.88 -33.95 0.91
CA GLU A 421 -9.13 -35.29 0.44
C GLU A 421 -10.07 -35.28 -0.75
N GLY A 422 -10.03 -36.32 -1.56
CA GLY A 422 -10.88 -36.45 -2.73
C GLY A 422 -12.36 -36.27 -2.41
N GLN A 423 -12.83 -36.82 -1.27
CA GLN A 423 -14.21 -36.73 -0.85
C GLN A 423 -14.64 -35.28 -0.60
N VAL A 424 -13.73 -34.41 -0.17
CA VAL A 424 -14.04 -33.01 0.00
C VAL A 424 -14.07 -32.32 -1.36
N ARG A 425 -13.05 -32.60 -2.18
CA ARG A 425 -12.89 -31.97 -3.48
C ARG A 425 -14.09 -32.25 -4.37
N GLN A 426 -14.60 -33.48 -4.31
CA GLN A 426 -15.76 -33.91 -5.12
C GLN A 426 -17.01 -33.10 -4.87
N LYS A 427 -17.14 -32.46 -3.70
N LYS A 427 -17.11 -32.46 -3.69
CA LYS A 427 -18.38 -31.78 -3.38
CA LYS A 427 -18.31 -31.74 -3.29
C LYS A 427 -18.52 -30.48 -4.18
C LYS A 427 -18.39 -30.32 -3.85
N VAL A 428 -17.40 -29.90 -4.63
CA VAL A 428 -17.50 -28.61 -5.34
C VAL A 428 -17.98 -28.90 -6.77
N ARG A 429 -19.05 -28.23 -7.19
CA ARG A 429 -19.54 -28.38 -8.55
C ARG A 429 -19.04 -27.18 -9.35
N ILE A 430 -18.30 -27.48 -10.39
CA ILE A 430 -17.75 -26.47 -11.26
C ILE A 430 -18.69 -26.36 -12.47
N VAL A 431 -19.33 -25.19 -12.59
CA VAL A 431 -20.29 -24.95 -13.65
C VAL A 431 -19.82 -23.86 -14.59
N SER A 432 -20.39 -23.91 -15.82
CA SER A 432 -20.06 -23.01 -16.92
C SER A 432 -21.06 -21.85 -16.99
N VAL A 433 -20.67 -20.75 -17.66
CA VAL A 433 -21.52 -19.56 -17.78
C VAL A 433 -22.22 -19.54 -19.15
N PRO A 445 -21.79 -26.42 -2.78
CA PRO A 445 -20.79 -25.45 -3.25
C PRO A 445 -20.68 -25.46 -4.77
N VAL A 446 -20.74 -24.27 -5.37
CA VAL A 446 -20.73 -24.12 -6.80
C VAL A 446 -19.69 -23.04 -7.14
N LEU A 447 -18.92 -23.29 -8.17
CA LEU A 447 -17.87 -22.37 -8.59
C LEU A 447 -17.92 -22.26 -10.11
N THR A 448 -17.73 -21.03 -10.61
CA THR A 448 -17.52 -20.80 -12.03
C THR A 448 -16.13 -20.26 -12.25
N PHE A 449 -15.42 -20.82 -13.24
CA PHE A 449 -14.09 -20.35 -13.57
C PHE A 449 -14.15 -19.30 -14.67
N GLN A 450 -13.32 -18.26 -14.54
CA GLN A 450 -13.13 -17.26 -15.56
C GLN A 450 -11.98 -17.57 -16.51
N SER A 451 -10.95 -18.27 -16.01
CA SER A 451 -9.73 -18.52 -16.76
C SER A 451 -9.84 -19.78 -17.60
N GLU A 452 -9.25 -19.73 -18.79
CA GLU A 452 -9.18 -20.93 -19.61
C GLU A 452 -8.27 -21.99 -18.93
N LYS A 453 -7.22 -21.59 -18.22
CA LYS A 453 -6.37 -22.59 -17.61
C LYS A 453 -7.16 -23.40 -16.59
N MET A 454 -7.92 -22.79 -15.70
CA MET A 454 -8.67 -23.56 -14.70
C MET A 454 -9.79 -24.35 -15.34
N LYS A 455 -10.48 -23.83 -16.34
CA LYS A 455 -11.49 -24.63 -17.02
C LYS A 455 -10.95 -25.97 -17.51
N GLY A 456 -9.77 -25.94 -18.10
CA GLY A 456 -9.13 -27.16 -18.59
C GLY A 456 -8.69 -28.08 -17.46
N MET A 457 -8.57 -27.56 -16.23
N MET A 457 -8.56 -27.51 -16.25
CA MET A 457 -8.06 -28.36 -15.13
CA MET A 457 -8.08 -28.21 -15.07
C MET A 457 -9.22 -29.02 -14.36
C MET A 457 -9.19 -29.00 -14.38
N LYS A 458 -10.46 -28.63 -14.65
CA LYS A 458 -11.61 -29.08 -13.88
C LYS A 458 -11.63 -30.60 -13.68
N GLU A 459 -11.41 -31.31 -14.79
CA GLU A 459 -11.37 -32.76 -14.88
C GLU A 459 -10.45 -33.35 -13.81
N LEU A 460 -9.31 -32.74 -13.56
CA LEU A 460 -8.26 -33.29 -12.73
C LEU A 460 -8.53 -33.07 -11.25
N LEU A 461 -9.54 -32.24 -10.92
CA LEU A 461 -9.64 -31.73 -9.55
C LEU A 461 -10.32 -32.69 -8.56
N VAL A 462 -10.87 -33.87 -8.98
CA VAL A 462 -11.64 -34.77 -8.10
C VAL A 462 -11.08 -36.19 -7.95
N ALA A 463 -9.95 -36.51 -8.57
CA ALA A 463 -9.39 -37.84 -8.43
C ALA A 463 -8.80 -37.96 -7.04
N THR A 464 -8.87 -39.18 -6.48
CA THR A 464 -8.40 -39.43 -5.13
C THR A 464 -6.92 -39.04 -5.00
N LYS A 465 -6.12 -39.46 -6.00
CA LYS A 465 -4.74 -39.05 -6.11
C LYS A 465 -4.67 -38.18 -7.36
N ILE A 466 -4.43 -36.89 -7.15
CA ILE A 466 -4.32 -35.92 -8.22
C ILE A 466 -3.17 -36.30 -9.17
N ASN A 467 -3.42 -36.10 -10.46
CA ASN A 467 -2.42 -36.34 -11.48
C ASN A 467 -1.49 -35.13 -11.56
N SER A 468 -0.37 -35.18 -10.89
CA SER A 468 0.59 -34.11 -10.79
C SER A 468 1.12 -33.67 -12.15
N SER A 469 1.48 -34.63 -13.00
CA SER A 469 2.06 -34.22 -14.27
C SER A 469 1.02 -33.50 -15.13
N ALA A 470 -0.21 -33.99 -15.14
CA ALA A 470 -1.25 -33.37 -15.94
C ALA A 470 -1.54 -31.95 -15.44
N ILE A 471 -1.60 -31.76 -14.12
CA ILE A 471 -1.80 -30.43 -13.56
C ILE A 471 -0.69 -29.48 -14.00
N LYS A 472 0.56 -29.88 -13.86
CA LYS A 472 1.70 -29.11 -14.28
C LYS A 472 1.55 -28.68 -15.73
N LEU A 473 1.18 -29.62 -16.64
CA LEU A 473 1.01 -29.31 -18.05
C LEU A 473 -0.06 -28.22 -18.27
N GLN A 474 -1.16 -28.34 -17.55
CA GLN A 474 -2.28 -27.42 -17.71
C GLN A 474 -1.93 -26.05 -17.13
N LEU A 475 -1.18 -25.98 -16.03
CA LEU A 475 -0.93 -24.68 -15.41
C LEU A 475 0.09 -23.88 -16.22
N THR A 476 0.97 -24.55 -16.95
CA THR A 476 2.10 -23.88 -17.56
C THR A 476 2.03 -23.91 -19.09
N ALA A 477 2.93 -23.13 -19.70
CA ALA A 477 3.05 -23.06 -21.16
C ALA A 477 3.58 -24.38 -21.76
N GLN A 478 4.39 -25.10 -20.96
CA GLN A 478 4.83 -26.45 -21.27
C GLN A 478 3.65 -27.29 -21.79
N SER A 479 3.92 -27.97 -22.93
CA SER A 479 2.93 -28.76 -23.66
C SER A 479 3.45 -30.16 -24.03
N GLN A 480 4.76 -30.42 -23.82
CA GLN A 480 5.38 -31.74 -24.01
C GLN A 480 5.98 -32.29 -22.72
N VAL A 481 6.10 -33.63 -22.66
CA VAL A 481 6.81 -34.29 -21.56
C VAL A 481 8.25 -34.68 -22.00
N GLN A 482 9.07 -35.18 -21.07
CA GLN A 482 10.47 -35.56 -21.34
C GLN A 482 10.57 -36.63 -22.44
N MET A 483 11.53 -36.46 -23.35
CA MET A 483 11.64 -37.27 -24.56
C MET A 483 11.99 -38.72 -24.20
N LYS A 484 13.08 -38.93 -23.45
CA LYS A 484 13.58 -40.28 -23.19
C LYS A 484 12.82 -40.90 -22.00
N ARG B 3 14.59 -1.09 6.27
CA ARG B 3 14.43 -1.00 4.79
C ARG B 3 13.32 0.00 4.46
N TRP B 4 12.69 -0.15 3.30
CA TRP B 4 11.64 0.77 2.86
C TRP B 4 10.45 0.00 2.30
N ARG B 5 9.26 0.33 2.84
CA ARG B 5 8.01 -0.11 2.23
C ARG B 5 7.13 1.10 1.94
N PHE B 6 6.41 1.01 0.83
CA PHE B 6 5.51 2.07 0.43
C PHE B 6 4.53 2.35 1.57
N PRO B 7 4.27 3.61 1.93
CA PRO B 7 3.41 3.88 3.08
C PRO B 7 2.06 3.18 3.06
N ALA B 8 1.78 2.49 4.18
CA ALA B 8 0.52 1.79 4.43
C ALA B 8 0.34 0.54 3.57
N ARG B 9 1.40 0.03 2.91
CA ARG B 9 1.28 -1.30 2.31
C ARG B 9 1.10 -2.33 3.43
N PRO B 10 0.25 -3.35 3.24
CA PRO B 10 0.10 -4.38 4.28
C PRO B 10 1.32 -5.28 4.42
N GLY B 11 1.34 -6.06 5.51
CA GLY B 11 2.34 -7.11 5.66
C GLY B 11 3.64 -6.53 6.15
N THR B 12 4.54 -7.55 6.26
CA THR B 12 5.72 -7.15 7.05
C THR B 12 6.90 -6.99 6.10
N NH2 B 13 7.74 -6.01 6.37
HN1 NH2 B 13 8.45 -5.88 5.85
HN2 NH2 B 13 7.61 -5.50 7.08
S SO4 C . 23.88 6.46 2.61
O1 SO4 C . 24.27 7.81 2.91
O2 SO4 C . 24.33 5.55 3.65
O3 SO4 C . 22.44 6.37 2.49
O4 SO4 C . 24.49 6.05 1.36
S SO4 D . -9.91 -23.14 10.11
O1 SO4 D . -8.74 -22.36 10.44
O2 SO4 D . -9.43 -24.52 9.67
O3 SO4 D . -10.74 -22.39 9.09
O4 SO4 D . -10.73 -23.34 11.30
S SO4 E . -5.16 29.88 -6.15
O1 SO4 E . -4.80 30.92 -7.10
O2 SO4 E . -4.88 30.33 -4.82
O3 SO4 E . -6.57 29.59 -6.26
O4 SO4 E . -4.39 28.68 -6.44
C13 1PE F . 12.31 0.63 29.04
OH4 1PE F . 11.09 1.35 28.88
C14 1PE F . 9.55 2.92 29.95
C24 1PE F . 10.39 1.64 30.10
OH5 1PE F . 10.40 4.07 29.88
C15 1PE F . 10.93 6.24 28.90
C25 1PE F . 9.91 5.12 29.04
OH6 1PE F . 11.72 6.09 27.71
C16 1PE F . 14.13 6.27 27.20
C26 1PE F . 12.82 7.00 27.61
OH7 1PE F . 14.67 5.52 28.30
H131 1PE F . 12.27 0.10 29.87
H132 1PE F . 12.91 0.81 28.29
H141 1PE F . 8.95 3.00 30.72
H142 1PE F . 9.00 2.85 29.15
H241 1PE F . 11.02 1.75 30.84
H242 1PE F . 9.80 0.89 30.32
H151 1PE F . 11.53 6.25 29.68
H152 1PE F . 10.47 7.10 28.88
H251 1PE F . 9.09 5.48 29.44
H252 1PE F . 9.69 4.76 28.16
H161 1PE F . 14.79 6.93 26.91
H162 1PE F . 13.93 5.67 26.45
H261 1PE F . 12.96 7.44 28.49
H262 1PE F . 12.61 7.70 26.96
HO7 1PE F . 15.37 5.12 28.04
C5 PG0 G . 19.60 13.04 -7.66
O2 PG0 G . 19.72 11.67 -7.24
C4 PG0 G . 18.48 10.97 -7.21
C3 PG0 G . 18.66 9.59 -7.78
O1 PG0 G . 17.49 8.80 -7.54
C2 PG0 G . 16.91 8.25 -8.71
C1 PG0 G . 17.40 6.85 -8.94
OTT PG0 G . 16.75 5.91 -8.11
H51 PG0 G . 18.85 13.41 -7.10
H52 PG0 G . 20.16 13.18 -8.39
H41 PG0 G . 18.16 10.90 -6.29
H42 PG0 G . 17.80 11.45 -7.73
H31 PG0 G . 18.82 9.66 -8.73
H32 PG0 G . 19.44 9.16 -7.35
H21 PG0 G . 15.93 8.25 -8.62
H22 PG0 G . 17.13 8.80 -9.48
H11 PG0 G . 17.25 6.61 -9.87
H12 PG0 G . 18.36 6.81 -8.77
HTT PG0 G . 17.07 5.09 -8.24
C1 EDO H . 15.92 32.02 6.52
O1 EDO H . 14.85 32.20 5.62
C2 EDO H . 17.00 31.22 5.92
O2 EDO H . 17.11 29.94 6.51
H11 EDO H . 15.60 31.58 7.33
H12 EDO H . 16.28 32.90 6.76
HO1 EDO H . 14.22 32.69 6.02
H21 EDO H . 17.84 31.70 6.03
H22 EDO H . 16.83 31.12 4.96
HO2 EDO H . 17.73 29.50 6.15
#